data_8F90
#
_entry.id   8F90
#
_cell.length_a   82.075
_cell.length_b   90.603
_cell.length_c   89.686
_cell.angle_alpha   90.000
_cell.angle_beta   90.000
_cell.angle_gamma   90.000
#
_symmetry.space_group_name_H-M   'P 21 21 2'
#
loop_
_entity.id
_entity.type
_entity.pdbx_description
1 polymer Adhesin
2 non-polymer 'MAGNESIUM ION'
3 water water
#
_entity_poly.entity_id   1
_entity_poly.type   'polypeptide(L)'
_entity_poly.pdbx_seq_one_letter_code
;GAPGYENPAGEIRTTVKANSSTGNETAPAQVSENEAESGVTVTDTISYTGLVGGKTYKVTGSLNLVENGKAVKVVVTATA
ELKADESGKGSWELDFGTIAGLEEGKSYVVYESARSLERLIDTDYDNIPDTPQNPVHEDPKDPAQTITVVP
;
_entity_poly.pdbx_strand_id   A,B,C,D
#
loop_
_chem_comp.id
_chem_comp.type
_chem_comp.name
_chem_comp.formula
MG non-polymer 'MAGNESIUM ION' 'Mg 2'
#
# COMPACT_ATOMS: atom_id res chain seq x y z
N ALA A 2 -16.71 -4.82 5.09
CA ALA A 2 -17.22 -3.50 5.55
C ALA A 2 -17.36 -2.55 4.36
N PRO A 3 -18.07 -1.41 4.52
CA PRO A 3 -18.20 -0.42 3.45
C PRO A 3 -16.95 0.45 3.24
N GLY A 4 -16.92 1.21 2.14
CA GLY A 4 -15.81 2.11 1.73
C GLY A 4 -15.17 2.79 2.92
N TYR A 5 -13.86 2.61 3.14
CA TYR A 5 -13.10 3.31 4.21
C TYR A 5 -11.84 3.96 3.64
N GLU A 6 -11.89 5.28 3.48
CA GLU A 6 -10.74 6.11 3.05
C GLU A 6 -9.93 6.45 4.30
N ASN A 7 -8.66 6.06 4.35
CA ASN A 7 -7.81 6.31 5.54
C ASN A 7 -7.63 7.81 5.73
N PRO A 8 -7.73 8.31 6.98
CA PRO A 8 -7.35 9.69 7.27
C PRO A 8 -5.83 9.81 7.08
N ALA A 9 -5.38 10.99 6.67
CA ALA A 9 -3.95 11.32 6.44
C ALA A 9 -3.69 12.64 7.12
N GLY A 10 -3.03 12.59 8.27
CA GLY A 10 -2.89 13.73 9.18
C GLY A 10 -1.50 14.31 9.17
N GLU A 11 -1.38 15.54 9.67
CA GLU A 11 -0.11 16.29 9.82
C GLU A 11 -0.23 17.13 11.09
N ILE A 12 0.84 17.20 11.88
CA ILE A 12 0.90 18.16 13.00
C ILE A 12 2.18 19.02 12.85
N ARG A 13 2.05 20.29 13.21
CA ARG A 13 3.14 21.28 13.31
C ARG A 13 3.11 21.80 14.75
N THR A 14 4.21 22.36 15.22
CA THR A 14 4.34 22.75 16.65
C THR A 14 4.98 24.14 16.77
N THR A 15 4.54 24.89 17.78
CA THR A 15 5.14 26.20 18.13
C THR A 15 5.30 26.25 19.65
N VAL A 16 6.54 26.39 20.12
CA VAL A 16 6.84 26.43 21.57
C VAL A 16 6.74 27.89 22.06
N LYS A 17 6.26 28.06 23.29
CA LYS A 17 6.35 29.35 24.01
C LYS A 17 7.06 29.09 25.33
N ALA A 18 8.08 29.89 25.59
CA ALA A 18 8.90 29.83 26.82
C ALA A 18 8.79 31.20 27.50
N ASN A 19 8.14 31.27 28.66
CA ASN A 19 7.75 32.55 29.30
C ASN A 19 6.98 33.38 28.26
N SER A 20 7.48 34.54 27.85
CA SER A 20 6.76 35.44 26.90
C SER A 20 7.34 35.33 25.48
N SER A 21 8.27 34.41 25.21
CA SER A 21 8.97 34.27 23.91
C SER A 21 8.40 33.07 23.14
N THR A 22 8.02 33.26 21.88
CA THR A 22 7.45 32.21 21.00
C THR A 22 8.43 31.93 19.86
N GLY A 23 8.73 30.65 19.59
CA GLY A 23 9.53 30.25 18.43
C GLY A 23 8.77 30.54 17.15
N ASN A 24 9.47 30.77 16.04
CA ASN A 24 8.81 30.88 14.72
C ASN A 24 9.66 30.18 13.66
N GLU A 25 9.23 30.27 12.40
CA GLU A 25 9.83 29.53 11.26
C GLU A 25 11.30 29.94 11.09
N THR A 26 11.68 31.11 11.60
CA THR A 26 13.02 31.72 11.36
C THR A 26 13.92 31.53 12.58
N ALA A 27 13.41 31.73 13.79
CA ALA A 27 14.26 31.88 15.00
C ALA A 27 13.60 31.22 16.21
N PRO A 28 14.40 30.51 17.02
CA PRO A 28 13.91 29.97 18.29
C PRO A 28 13.42 31.03 19.27
N ALA A 29 12.53 30.60 20.17
CA ALA A 29 12.25 31.32 21.43
C ALA A 29 13.57 31.49 22.19
N GLN A 30 13.69 32.56 22.95
CA GLN A 30 14.88 32.87 23.77
C GLN A 30 14.43 33.21 25.20
N VAL A 31 15.17 32.70 26.18
CA VAL A 31 15.06 33.10 27.61
C VAL A 31 16.48 33.39 28.11
N SER A 32 16.61 34.34 29.03
CA SER A 32 17.90 34.70 29.65
C SER A 32 18.32 33.60 30.64
N GLU A 33 19.60 33.59 31.02
CA GLU A 33 20.12 32.69 32.08
C GLU A 33 19.33 32.94 33.38
N ASN A 34 19.00 34.20 33.70
CA ASN A 34 18.25 34.55 34.94
C ASN A 34 16.85 33.93 34.87
N GLU A 35 16.20 34.02 33.70
CA GLU A 35 14.88 33.38 33.48
C GLU A 35 14.99 31.86 33.68
N ALA A 36 16.05 31.24 33.16
CA ALA A 36 16.28 29.78 33.28
C ALA A 36 16.42 29.41 34.77
N GLU A 37 17.16 30.22 35.54
CA GLU A 37 17.37 30.01 37.00
C GLU A 37 16.05 30.15 37.76
N SER A 38 15.09 30.93 37.24
CA SER A 38 13.81 31.29 37.92
C SER A 38 12.68 30.30 37.60
N GLY A 39 12.89 29.39 36.65
CA GLY A 39 11.85 28.43 36.21
C GLY A 39 11.11 28.99 35.01
N VAL A 40 11.12 28.24 33.90
CA VAL A 40 10.58 28.70 32.59
C VAL A 40 9.25 27.99 32.34
N THR A 41 8.16 28.75 32.16
CA THR A 41 6.86 28.16 31.76
CA THR A 41 6.84 28.19 31.75
C THR A 41 6.95 27.77 30.28
N VAL A 42 6.70 26.50 30.00
CA VAL A 42 6.79 25.97 28.61
C VAL A 42 5.43 25.42 28.21
N THR A 43 4.89 25.96 27.13
CA THR A 43 3.66 25.43 26.48
C THR A 43 3.99 25.21 25.02
N ASP A 44 3.29 24.28 24.40
CA ASP A 44 3.49 23.97 22.97
C ASP A 44 2.12 24.00 22.30
N THR A 45 1.99 24.78 21.22
CA THR A 45 0.78 24.78 20.38
C THR A 45 0.96 23.68 19.34
N ILE A 46 0.00 22.77 19.24
CA ILE A 46 0.01 21.71 18.18
C ILE A 46 -1.07 22.07 17.17
N SER A 47 -0.66 22.46 15.96
CA SER A 47 -1.59 22.75 14.83
C SER A 47 -1.76 21.46 14.02
N TYR A 48 -2.99 20.98 13.89
CA TYR A 48 -3.27 19.68 13.24
C TYR A 48 -4.20 19.87 12.04
N THR A 49 -4.03 19.02 11.03
N THR A 49 -4.00 19.02 11.02
CA THR A 49 -4.95 18.89 9.87
CA THR A 49 -4.87 18.87 9.83
C THR A 49 -5.06 17.40 9.52
C THR A 49 -5.07 17.37 9.57
N GLY A 50 -6.21 17.01 8.97
CA GLY A 50 -6.46 15.63 8.49
C GLY A 50 -6.63 14.62 9.61
N LEU A 51 -7.02 15.08 10.81
CA LEU A 51 -7.45 14.16 11.90
C LEU A 51 -8.93 13.83 11.68
N VAL A 52 -9.44 12.90 12.46
CA VAL A 52 -10.86 12.48 12.38
C VAL A 52 -11.64 13.32 13.39
N GLY A 53 -12.56 14.15 12.90
CA GLY A 53 -13.37 15.07 13.71
C GLY A 53 -14.04 14.35 14.87
N GLY A 54 -13.90 14.89 16.07
CA GLY A 54 -14.58 14.39 17.28
C GLY A 54 -13.84 13.24 17.95
N LYS A 55 -12.76 12.72 17.35
CA LYS A 55 -11.98 11.59 17.92
C LYS A 55 -10.94 12.15 18.89
N THR A 56 -10.61 11.35 19.92
CA THR A 56 -9.65 11.74 20.97
C THR A 56 -8.27 11.19 20.61
N TYR A 57 -7.25 12.02 20.78
CA TYR A 57 -5.83 11.69 20.53
C TYR A 57 -5.06 11.81 21.84
N LYS A 58 -4.28 10.79 22.18
CA LYS A 58 -3.29 10.86 23.28
C LYS A 58 -2.09 11.59 22.71
N VAL A 59 -1.90 12.84 23.13
CA VAL A 59 -0.74 13.67 22.70
C VAL A 59 0.35 13.49 23.77
N THR A 60 1.54 13.11 23.32
CA THR A 60 2.75 13.10 24.16
C THR A 60 3.75 14.09 23.55
N GLY A 61 4.29 14.96 24.39
CA GLY A 61 5.32 15.92 24.01
C GLY A 61 6.60 15.66 24.78
N SER A 62 7.74 15.93 24.16
CA SER A 62 9.06 15.84 24.83
C SER A 62 9.84 17.14 24.56
N LEU A 63 10.53 17.64 25.57
CA LEU A 63 11.50 18.73 25.42
C LEU A 63 12.89 18.10 25.42
N ASN A 64 13.65 18.33 24.36
CA ASN A 64 14.89 17.57 24.06
C ASN A 64 16.10 18.51 23.99
N LEU A 65 17.16 18.20 24.73
CA LEU A 65 18.48 18.86 24.54
C LEU A 65 18.95 18.56 23.12
N VAL A 66 19.37 19.60 22.40
CA VAL A 66 19.88 19.49 21.01
C VAL A 66 21.38 19.73 21.04
N GLU A 67 22.16 18.85 20.40
CA GLU A 67 23.61 19.04 20.21
C GLU A 67 23.96 18.57 18.79
N ASN A 68 24.65 19.42 18.03
CA ASN A 68 25.05 19.20 16.62
C ASN A 68 23.82 18.77 15.82
N GLY A 69 22.69 19.45 16.01
CA GLY A 69 21.45 19.28 15.22
C GLY A 69 20.71 17.99 15.50
N LYS A 70 21.01 17.32 16.64
CA LYS A 70 20.39 16.03 17.03
C LYS A 70 19.84 16.13 18.45
N ALA A 71 18.69 15.52 18.71
CA ALA A 71 18.07 15.39 20.05
C ALA A 71 18.86 14.35 20.84
N VAL A 72 19.49 14.73 21.96
CA VAL A 72 20.46 13.83 22.67
C VAL A 72 19.98 13.50 24.09
N LYS A 73 18.96 14.18 24.60
CA LYS A 73 18.45 13.92 25.98
C LYS A 73 17.01 14.42 26.12
N VAL A 74 16.11 13.57 26.62
CA VAL A 74 14.74 14.02 27.02
C VAL A 74 14.88 14.73 28.37
N VAL A 75 14.50 16.00 28.42
CA VAL A 75 14.58 16.83 29.66
C VAL A 75 13.28 16.64 30.44
N VAL A 76 12.13 16.73 29.75
CA VAL A 76 10.79 16.57 30.37
C VAL A 76 9.81 16.09 29.29
N THR A 77 8.76 15.38 29.71
CA THR A 77 7.63 15.02 28.83
C THR A 77 6.35 15.61 29.42
N ALA A 78 5.32 15.71 28.60
CA ALA A 78 3.95 16.09 28.99
C ALA A 78 2.97 15.27 28.16
N THR A 79 1.79 15.03 28.69
CA THR A 79 0.77 14.25 27.94
C THR A 79 -0.62 14.73 28.33
N ALA A 80 -1.52 14.64 27.38
CA ALA A 80 -2.96 14.95 27.55
C ALA A 80 -3.72 14.22 26.46
N GLU A 81 -4.98 13.88 26.75
CA GLU A 81 -5.92 13.35 25.75
C GLU A 81 -6.79 14.52 25.27
N LEU A 82 -6.74 14.79 23.96
CA LEU A 82 -7.34 16.00 23.34
C LEU A 82 -8.25 15.57 22.19
N LYS A 83 -9.37 16.26 22.02
CA LYS A 83 -10.38 15.94 20.99
C LYS A 83 -10.09 16.80 19.76
N ALA A 84 -10.07 16.20 18.58
CA ALA A 84 -9.99 16.94 17.30
C ALA A 84 -11.30 17.68 17.06
N ASP A 85 -11.21 18.93 16.61
CA ASP A 85 -12.36 19.74 16.15
C ASP A 85 -13.10 18.96 15.04
N GLU A 86 -14.40 19.21 14.87
CA GLU A 86 -15.31 18.47 13.94
C GLU A 86 -14.74 18.41 12.52
N SER A 87 -14.05 19.47 12.08
CA SER A 87 -13.45 19.60 10.72
C SER A 87 -12.21 18.71 10.55
N GLY A 88 -11.61 18.25 11.65
CA GLY A 88 -10.34 17.48 11.65
C GLY A 88 -9.13 18.38 11.56
N LYS A 89 -9.34 19.70 11.63
CA LYS A 89 -8.28 20.74 11.56
C LYS A 89 -8.48 21.73 12.71
N GLY A 90 -7.39 22.12 13.37
CA GLY A 90 -7.46 23.07 14.50
C GLY A 90 -6.15 23.12 15.25
N SER A 91 -6.20 23.56 16.50
CA SER A 91 -4.97 23.60 17.34
C SER A 91 -5.28 23.20 18.77
N TRP A 92 -4.26 22.65 19.42
CA TRP A 92 -4.28 22.28 20.86
C TRP A 92 -3.13 23.00 21.55
N GLU A 93 -3.25 23.16 22.87
CA GLU A 93 -2.16 23.66 23.74
C GLU A 93 -1.77 22.51 24.68
N LEU A 94 -0.49 22.17 24.73
CA LEU A 94 0.02 21.21 25.74
C LEU A 94 0.90 21.98 26.74
N ASP A 95 0.55 21.93 28.02
CA ASP A 95 1.26 22.65 29.10
C ASP A 95 2.31 21.71 29.74
N PHE A 96 3.59 22.05 29.62
CA PHE A 96 4.71 21.25 30.20
C PHE A 96 4.97 21.68 31.66
N GLY A 97 4.35 22.77 32.10
CA GLY A 97 4.53 23.34 33.44
C GLY A 97 5.74 24.27 33.51
N THR A 98 6.40 24.33 34.66
CA THR A 98 7.50 25.29 34.95
C THR A 98 8.80 24.50 35.01
N ILE A 99 9.68 24.71 34.04
CA ILE A 99 10.87 23.84 33.79
C ILE A 99 12.10 24.46 34.46
N ALA A 100 12.75 23.67 35.31
CA ALA A 100 14.01 24.01 36.00
C ALA A 100 15.19 23.43 35.23
N GLY A 101 16.36 24.05 35.34
CA GLY A 101 17.66 23.46 34.94
C GLY A 101 18.03 23.66 33.48
N LEU A 102 17.31 24.48 32.70
CA LEU A 102 17.75 24.81 31.32
C LEU A 102 19.04 25.65 31.44
N GLU A 103 20.04 25.33 30.62
CA GLU A 103 21.42 25.85 30.78
C GLU A 103 21.72 26.91 29.71
N GLU A 104 22.39 27.99 30.13
CA GLU A 104 22.90 29.06 29.21
C GLU A 104 23.72 28.39 28.09
N GLY A 105 23.53 28.86 26.86
CA GLY A 105 24.28 28.43 25.67
C GLY A 105 23.70 27.18 25.02
N LYS A 106 22.65 26.59 25.61
CA LYS A 106 22.05 25.33 25.10
C LYS A 106 20.69 25.62 24.45
N SER A 107 20.31 24.76 23.50
CA SER A 107 19.00 24.80 22.81
C SER A 107 18.25 23.51 23.12
N TYR A 108 16.93 23.65 23.23
CA TYR A 108 15.99 22.56 23.57
C TYR A 108 14.86 22.57 22.54
N VAL A 109 14.47 21.39 22.06
CA VAL A 109 13.46 21.30 20.97
C VAL A 109 12.29 20.42 21.43
N VAL A 110 11.09 20.84 21.08
CA VAL A 110 9.83 20.10 21.40
C VAL A 110 9.51 19.14 20.26
N TYR A 111 9.21 17.90 20.62
CA TYR A 111 8.63 16.87 19.74
C TYR A 111 7.19 16.62 20.18
N GLU A 112 6.30 16.29 19.23
CA GLU A 112 4.89 15.95 19.56
C GLU A 112 4.48 14.69 18.78
N SER A 113 3.72 13.84 19.46
CA SER A 113 3.12 12.60 18.91
C SER A 113 1.64 12.62 19.27
N ALA A 114 0.75 12.59 18.28
CA ALA A 114 -0.71 12.62 18.50
C ALA A 114 -1.30 11.28 18.03
N ARG A 115 -1.62 10.39 18.99
CA ARG A 115 -1.99 8.98 18.71
C ARG A 115 -3.45 8.74 19.09
N SER A 116 -4.31 8.44 18.12
CA SER A 116 -5.76 8.24 18.38
C SER A 116 -5.94 7.12 19.40
N LEU A 117 -6.90 7.27 20.32
CA LEU A 117 -7.32 6.20 21.24
C LEU A 117 -7.97 5.06 20.42
N GLU A 118 -8.70 5.39 19.37
CA GLU A 118 -9.46 4.41 18.55
C GLU A 118 -8.60 3.96 17.36
N ARG A 119 -8.90 2.77 16.84
CA ARG A 119 -8.28 2.29 15.58
C ARG A 119 -8.94 3.07 14.43
N LEU A 120 -8.17 3.87 13.68
CA LEU A 120 -8.73 4.74 12.62
C LEU A 120 -8.05 4.50 11.27
N ILE A 121 -6.98 3.71 11.23
CA ILE A 121 -6.21 3.40 9.99
C ILE A 121 -6.42 1.92 9.63
N ASP A 122 -6.87 1.69 8.40
CA ASP A 122 -6.96 0.33 7.81
C ASP A 122 -5.61 0.02 7.16
N THR A 123 -4.87 -0.93 7.72
CA THR A 123 -3.51 -1.32 7.27
C THR A 123 -3.57 -2.47 6.27
N ASP A 124 -4.70 -3.16 6.16
CA ASP A 124 -4.78 -4.45 5.43
C ASP A 124 -5.89 -4.44 4.37
N TYR A 125 -6.56 -3.30 4.15
CA TYR A 125 -7.50 -3.08 3.02
C TYR A 125 -8.67 -4.08 3.08
N ASP A 126 -9.14 -4.37 4.30
CA ASP A 126 -10.39 -5.15 4.55
C ASP A 126 -11.54 -4.17 4.82
N ASN A 127 -11.25 -2.87 4.74
CA ASN A 127 -12.19 -1.74 4.93
C ASN A 127 -12.49 -1.57 6.43
N ILE A 128 -11.74 -2.26 7.29
CA ILE A 128 -11.89 -2.18 8.77
C ILE A 128 -10.63 -1.55 9.34
N PRO A 129 -10.76 -0.36 9.98
CA PRO A 129 -9.62 0.28 10.62
C PRO A 129 -9.11 -0.63 11.74
N ASP A 130 -7.79 -0.74 11.88
CA ASP A 130 -7.17 -1.75 12.76
C ASP A 130 -5.95 -1.19 13.52
N THR A 131 -5.55 0.07 13.30
CA THR A 131 -4.42 0.69 14.07
C THR A 131 -4.71 2.18 14.29
N PRO A 132 -4.22 2.78 15.39
CA PRO A 132 -4.39 4.21 15.59
C PRO A 132 -3.78 5.06 14.47
N GLN A 133 -4.40 6.22 14.25
CA GLN A 133 -3.80 7.33 13.47
C GLN A 133 -2.78 8.03 14.38
N ASN A 134 -1.55 8.24 13.89
CA ASN A 134 -0.46 8.81 14.74
C ASN A 134 0.49 9.67 13.92
N PRO A 135 0.09 10.89 13.50
CA PRO A 135 1.07 11.86 12.98
C PRO A 135 1.98 12.31 14.12
N VAL A 136 3.19 12.72 13.75
CA VAL A 136 4.24 13.20 14.69
C VAL A 136 4.93 14.41 14.07
N HIS A 137 5.61 15.15 14.92
CA HIS A 137 6.53 16.24 14.50
C HIS A 137 7.77 16.12 15.39
N GLU A 138 8.87 15.65 14.80
CA GLU A 138 10.10 15.23 15.52
C GLU A 138 11.30 15.78 14.75
N ASP A 139 11.33 17.10 14.55
CA ASP A 139 12.38 17.80 13.78
C ASP A 139 13.32 18.48 14.76
N PRO A 140 14.55 17.95 14.99
CA PRO A 140 15.46 18.54 15.98
C PRO A 140 15.96 19.94 15.60
N LYS A 141 15.80 20.35 14.34
CA LYS A 141 16.29 21.64 13.79
C LYS A 141 15.13 22.62 13.54
N ASP A 142 13.91 22.33 13.99
CA ASP A 142 12.75 23.23 13.76
C ASP A 142 12.82 24.42 14.72
N PRO A 143 13.13 25.64 14.24
CA PRO A 143 13.26 26.79 15.14
C PRO A 143 11.94 27.11 15.87
N ALA A 144 10.80 26.81 15.27
CA ALA A 144 9.48 27.11 15.86
C ALA A 144 9.27 26.29 17.14
N GLN A 145 9.95 25.14 17.26
CA GLN A 145 9.84 24.21 18.42
C GLN A 145 11.02 24.39 19.38
N THR A 146 11.90 25.37 19.15
CA THR A 146 13.20 25.46 19.85
C THR A 146 13.20 26.62 20.86
N ILE A 147 13.80 26.37 22.02
CA ILE A 147 14.10 27.36 23.08
C ILE A 147 15.62 27.44 23.18
N THR A 148 16.19 28.64 23.10
CA THR A 148 17.64 28.87 23.34
C THR A 148 17.78 29.71 24.61
N VAL A 149 18.69 29.32 25.48
CA VAL A 149 19.04 30.11 26.70
C VAL A 149 20.24 30.98 26.34
N VAL A 150 20.06 32.30 26.46
CA VAL A 150 21.09 33.32 26.14
C VAL A 150 21.58 33.92 27.45
N PRO A 151 22.77 34.57 27.45
CA PRO A 151 23.25 35.25 28.66
C PRO A 151 22.18 36.16 29.29
N GLY B 4 18.93 6.96 24.26
CA GLY B 4 18.12 7.85 23.38
C GLY B 4 17.77 7.15 22.08
N TYR B 5 16.48 7.11 21.71
CA TYR B 5 15.99 6.41 20.50
C TYR B 5 15.48 7.42 19.49
N GLU B 6 16.17 7.52 18.34
CA GLU B 6 15.74 8.35 17.19
C GLU B 6 14.77 7.53 16.33
N ASN B 7 13.55 8.01 16.15
CA ASN B 7 12.54 7.28 15.33
C ASN B 7 12.98 7.25 13.88
N PRO B 8 12.83 6.09 13.18
CA PRO B 8 12.95 6.07 11.74
C PRO B 8 11.78 6.81 11.12
N ALA B 9 11.97 7.40 9.93
CA ALA B 9 10.93 8.11 9.17
C ALA B 9 11.09 7.73 7.70
N GLY B 10 10.11 6.99 7.18
CA GLY B 10 10.19 6.33 5.87
C GLY B 10 9.15 6.85 4.91
N GLU B 11 9.29 6.47 3.65
CA GLU B 11 8.39 6.84 2.53
C GLU B 11 8.40 5.68 1.56
N ILE B 12 7.25 5.37 0.97
CA ILE B 12 7.18 4.40 -0.15
C ILE B 12 6.48 5.07 -1.33
N ARG B 13 6.92 4.73 -2.54
CA ARG B 13 6.29 5.12 -3.83
C ARG B 13 6.04 3.82 -4.59
N THR B 14 5.13 3.84 -5.57
CA THR B 14 4.70 2.60 -6.25
C THR B 14 4.63 2.80 -7.77
N THR B 15 4.92 1.73 -8.51
CA THR B 15 4.83 1.70 -9.98
C THR B 15 4.18 0.38 -10.40
N VAL B 16 2.98 0.45 -10.99
CA VAL B 16 2.20 -0.76 -11.38
C VAL B 16 2.66 -1.22 -12.77
N LYS B 17 2.61 -2.53 -12.99
CA LYS B 17 2.78 -3.15 -14.31
C LYS B 17 1.57 -4.07 -14.56
N ALA B 18 0.89 -3.85 -15.66
CA ALA B 18 -0.30 -4.64 -16.09
C ALA B 18 0.03 -5.26 -17.44
N ASN B 19 0.16 -6.60 -17.49
CA ASN B 19 0.70 -7.31 -18.68
C ASN B 19 2.03 -6.62 -19.06
N SER B 20 2.12 -6.02 -20.25
CA SER B 20 3.37 -5.44 -20.81
C SER B 20 3.45 -3.93 -20.53
N SER B 21 2.42 -3.35 -19.89
CA SER B 21 2.27 -1.88 -19.73
C SER B 21 2.66 -1.45 -18.32
N THR B 22 3.52 -0.44 -18.20
CA THR B 22 3.99 0.09 -16.89
C THR B 22 3.43 1.51 -16.71
N GLY B 23 2.85 1.82 -15.55
CA GLY B 23 2.45 3.20 -15.23
C GLY B 23 3.68 4.10 -15.12
N ASN B 24 3.53 5.40 -15.37
CA ASN B 24 4.63 6.35 -15.12
C ASN B 24 4.06 7.62 -14.51
N GLU B 25 4.93 8.61 -14.25
CA GLU B 25 4.58 9.87 -13.55
C GLU B 25 3.54 10.65 -14.36
N THR B 26 3.39 10.37 -15.66
CA THR B 26 2.50 11.14 -16.56
C THR B 26 1.17 10.40 -16.80
N ALA B 27 1.20 9.10 -17.08
CA ALA B 27 0.01 8.38 -17.59
C ALA B 27 -0.09 6.99 -17.00
N PRO B 28 -1.33 6.52 -16.71
CA PRO B 28 -1.57 5.14 -16.29
C PRO B 28 -1.07 4.10 -17.30
N ALA B 29 -0.79 2.89 -16.80
CA ALA B 29 -0.70 1.67 -17.62
C ALA B 29 -2.05 1.48 -18.33
N GLN B 30 -2.03 0.78 -19.45
CA GLN B 30 -3.22 0.54 -20.29
C GLN B 30 -3.26 -0.93 -20.69
N VAL B 31 -4.44 -1.55 -20.63
CA VAL B 31 -4.70 -2.90 -21.22
C VAL B 31 -6.00 -2.81 -22.01
N SER B 32 -6.15 -3.69 -23.00
CA SER B 32 -7.34 -3.80 -23.88
C SER B 32 -8.43 -4.62 -23.17
N GLU B 33 -9.67 -4.53 -23.65
CA GLU B 33 -10.79 -5.36 -23.16
C GLU B 33 -10.45 -6.85 -23.37
N ASN B 34 -9.86 -7.20 -24.52
CA ASN B 34 -9.45 -8.60 -24.83
C ASN B 34 -8.47 -9.10 -23.76
N GLU B 35 -7.49 -8.28 -23.39
CA GLU B 35 -6.52 -8.60 -22.30
C GLU B 35 -7.26 -8.80 -20.98
N ALA B 36 -8.21 -7.90 -20.66
CA ALA B 36 -9.01 -7.94 -19.41
C ALA B 36 -9.81 -9.25 -19.36
N GLU B 37 -10.41 -9.65 -20.48
CA GLU B 37 -11.21 -10.89 -20.60
C GLU B 37 -10.34 -12.13 -20.34
N SER B 38 -9.07 -12.11 -20.77
CA SER B 38 -8.09 -13.22 -20.64
C SER B 38 -7.51 -13.28 -19.22
N GLY B 39 -7.57 -12.17 -18.48
CA GLY B 39 -6.94 -12.05 -17.15
C GLY B 39 -5.62 -11.33 -17.27
N VAL B 40 -5.41 -10.33 -16.42
CA VAL B 40 -4.27 -9.37 -16.52
C VAL B 40 -3.28 -9.66 -15.39
N THR B 41 -2.02 -9.87 -15.72
CA THR B 41 -0.95 -10.03 -14.71
C THR B 41 -0.68 -8.64 -14.13
N VAL B 42 -0.77 -8.51 -12.81
CA VAL B 42 -0.54 -7.22 -12.12
C VAL B 42 0.57 -7.41 -11.09
N THR B 43 1.65 -6.67 -11.26
CA THR B 43 2.76 -6.58 -10.29
C THR B 43 2.95 -5.11 -9.94
N ASP B 44 3.54 -4.86 -8.79
CA ASP B 44 3.77 -3.47 -8.31
C ASP B 44 5.18 -3.38 -7.74
N THR B 45 5.95 -2.40 -8.22
CA THR B 45 7.27 -2.07 -7.65
C THR B 45 7.04 -1.08 -6.52
N ILE B 46 7.53 -1.43 -5.32
CA ILE B 46 7.50 -0.52 -4.14
C ILE B 46 8.92 -0.02 -3.92
N SER B 47 9.15 1.28 -4.15
CA SER B 47 10.42 1.98 -3.89
C SER B 47 10.32 2.60 -2.50
N TYR B 48 11.24 2.24 -1.61
CA TYR B 48 11.19 2.67 -0.18
C TYR B 48 12.47 3.43 0.16
N THR B 49 12.35 4.35 1.12
CA THR B 49 13.48 5.07 1.76
C THR B 49 13.15 5.22 3.24
N GLY B 50 14.19 5.37 4.06
CA GLY B 50 14.08 5.62 5.51
C GLY B 50 13.47 4.45 6.27
N LEU B 51 13.60 3.22 5.77
CA LEU B 51 13.22 2.02 6.55
C LEU B 51 14.43 1.60 7.40
N VAL B 52 14.22 0.68 8.33
CA VAL B 52 15.30 0.20 9.22
C VAL B 52 15.99 -0.98 8.53
N GLY B 53 17.28 -0.82 8.26
CA GLY B 53 18.08 -1.80 7.51
C GLY B 53 17.95 -3.18 8.13
N GLY B 54 17.64 -4.19 7.30
CA GLY B 54 17.62 -5.61 7.71
C GLY B 54 16.34 -6.03 8.42
N LYS B 55 15.39 -5.10 8.64
CA LYS B 55 14.11 -5.42 9.31
C LYS B 55 13.09 -5.89 8.26
N THR B 56 12.17 -6.76 8.68
CA THR B 56 11.14 -7.33 7.78
C THR B 56 9.86 -6.51 7.91
N TYR B 57 9.26 -6.22 6.76
CA TYR B 57 8.00 -5.47 6.62
C TYR B 57 6.96 -6.40 6.01
N LYS B 58 5.77 -6.46 6.63
CA LYS B 58 4.58 -7.06 6.01
C LYS B 58 3.99 -6.02 5.07
N VAL B 59 4.17 -6.25 3.76
CA VAL B 59 3.64 -5.34 2.70
C VAL B 59 2.27 -5.87 2.31
N THR B 60 1.25 -5.02 2.40
CA THR B 60 -0.11 -5.35 1.91
C THR B 60 -0.44 -4.34 0.81
N GLY B 61 -0.89 -4.85 -0.34
CA GLY B 61 -1.31 -4.04 -1.49
C GLY B 61 -2.77 -4.29 -1.80
N SER B 62 -3.45 -3.28 -2.36
CA SER B 62 -4.82 -3.40 -2.88
C SER B 62 -4.88 -2.77 -4.28
N LEU B 63 -5.66 -3.38 -5.16
CA LEU B 63 -6.06 -2.78 -6.45
C LEU B 63 -7.49 -2.30 -6.28
N ASN B 64 -7.72 -1.02 -6.57
CA ASN B 64 -8.97 -0.30 -6.22
C ASN B 64 -9.60 0.30 -7.48
N LEU B 65 -10.89 0.06 -7.71
CA LEU B 65 -11.68 0.82 -8.70
C LEU B 65 -11.64 2.30 -8.31
N VAL B 66 -11.34 3.19 -9.25
CA VAL B 66 -11.32 4.66 -9.01
C VAL B 66 -12.49 5.30 -9.75
N GLU B 67 -13.31 6.07 -9.04
CA GLU B 67 -14.39 6.91 -9.63
C GLU B 67 -14.35 8.28 -8.97
N ASN B 68 -14.43 9.35 -9.77
CA ASN B 68 -14.46 10.76 -9.27
C ASN B 68 -13.25 11.00 -8.37
N GLY B 69 -12.09 10.46 -8.72
CA GLY B 69 -10.81 10.67 -8.02
C GLY B 69 -10.74 10.01 -6.66
N LYS B 70 -11.61 9.02 -6.39
CA LYS B 70 -11.65 8.29 -5.08
C LYS B 70 -11.59 6.77 -5.35
N ALA B 71 -10.88 6.03 -4.50
CA ALA B 71 -10.95 4.55 -4.45
C ALA B 71 -12.32 4.17 -3.90
N VAL B 72 -13.11 3.42 -4.68
CA VAL B 72 -14.53 3.12 -4.31
C VAL B 72 -14.72 1.63 -4.05
N LYS B 73 -13.77 0.76 -4.42
CA LYS B 73 -13.95 -0.72 -4.27
C LYS B 73 -12.60 -1.44 -4.39
N VAL B 74 -12.29 -2.32 -3.44
CA VAL B 74 -11.12 -3.23 -3.53
C VAL B 74 -11.48 -4.39 -4.47
N VAL B 75 -10.66 -4.61 -5.49
CA VAL B 75 -10.83 -5.71 -6.49
C VAL B 75 -10.04 -6.94 -6.02
N VAL B 76 -8.81 -6.72 -5.55
CA VAL B 76 -7.90 -7.80 -5.08
C VAL B 76 -6.90 -7.18 -4.10
N THR B 77 -6.38 -8.00 -3.19
CA THR B 77 -5.24 -7.65 -2.33
C THR B 77 -4.15 -8.69 -2.52
N ALA B 78 -2.95 -8.33 -2.11
CA ALA B 78 -1.77 -9.21 -2.09
C ALA B 78 -0.93 -8.82 -0.88
N THR B 79 -0.15 -9.76 -0.35
CA THR B 79 0.71 -9.52 0.82
C THR B 79 1.98 -10.36 0.70
N ALA B 80 3.08 -9.84 1.24
CA ALA B 80 4.37 -10.54 1.33
C ALA B 80 5.17 -9.97 2.49
N GLU B 81 6.03 -10.79 3.10
CA GLU B 81 7.00 -10.31 4.12
C GLU B 81 8.32 -10.10 3.39
N LEU B 82 8.80 -8.85 3.38
CA LEU B 82 9.96 -8.36 2.59
C LEU B 82 10.96 -7.67 3.52
N LYS B 83 12.25 -7.90 3.27
CA LYS B 83 13.35 -7.37 4.12
C LYS B 83 13.85 -6.06 3.50
N ALA B 84 13.95 -5.00 4.29
CA ALA B 84 14.58 -3.73 3.87
C ALA B 84 16.08 -3.97 3.71
N ASP B 85 16.64 -3.46 2.61
CA ASP B 85 18.10 -3.39 2.37
C ASP B 85 18.78 -2.76 3.59
N GLU B 86 20.03 -3.15 3.85
CA GLU B 86 20.86 -2.64 4.98
C GLU B 86 20.87 -1.10 4.98
N SER B 87 20.80 -0.46 3.81
CA SER B 87 20.85 1.02 3.64
C SER B 87 19.53 1.68 4.05
N GLY B 88 18.46 0.91 4.19
CA GLY B 88 17.10 1.44 4.47
C GLY B 88 16.40 1.94 3.20
N LYS B 89 17.05 1.80 2.03
CA LYS B 89 16.53 2.27 0.72
C LYS B 89 16.66 1.11 -0.28
N GLY B 90 15.69 0.97 -1.18
CA GLY B 90 15.71 -0.04 -2.22
C GLY B 90 14.33 -0.19 -2.83
N SER B 91 14.09 -1.32 -3.48
CA SER B 91 12.77 -1.60 -4.07
C SER B 91 12.41 -3.06 -3.87
N TRP B 92 11.10 -3.29 -3.85
CA TRP B 92 10.44 -4.60 -3.68
C TRP B 92 9.48 -4.80 -4.85
N GLU B 93 9.19 -6.06 -5.18
CA GLU B 93 8.13 -6.44 -6.13
C GLU B 93 7.02 -7.13 -5.34
N LEU B 94 5.78 -6.70 -5.52
CA LEU B 94 4.59 -7.42 -5.01
C LEU B 94 3.77 -7.95 -6.19
N ASP B 95 3.47 -9.24 -6.15
CA ASP B 95 2.75 -9.96 -7.25
C ASP B 95 1.29 -10.11 -6.85
N PHE B 96 0.38 -9.47 -7.59
CA PHE B 96 -1.08 -9.57 -7.35
C PHE B 96 -1.65 -10.80 -8.07
N GLY B 97 -0.86 -11.37 -8.98
CA GLY B 97 -1.23 -12.54 -9.81
C GLY B 97 -2.02 -12.14 -11.03
N THR B 98 -2.81 -13.07 -11.55
CA THR B 98 -3.60 -12.86 -12.79
C THR B 98 -4.99 -12.41 -12.35
N ILE B 99 -5.40 -11.20 -12.70
CA ILE B 99 -6.64 -10.57 -12.18
C ILE B 99 -7.74 -10.70 -13.23
N ALA B 100 -8.85 -11.33 -12.85
CA ALA B 100 -10.06 -11.48 -13.68
C ALA B 100 -11.03 -10.34 -13.38
N GLY B 101 -11.85 -9.96 -14.35
CA GLY B 101 -13.04 -9.10 -14.16
C GLY B 101 -12.74 -7.61 -14.15
N LEU B 102 -11.55 -7.16 -14.57
CA LEU B 102 -11.32 -5.73 -14.86
C LEU B 102 -12.23 -5.37 -16.05
N GLU B 103 -12.82 -4.18 -16.02
CA GLU B 103 -13.90 -3.79 -16.96
C GLU B 103 -13.41 -2.68 -17.89
N GLU B 104 -13.70 -2.82 -19.18
CA GLU B 104 -13.45 -1.77 -20.20
C GLU B 104 -14.12 -0.47 -19.74
N GLY B 105 -13.45 0.66 -19.92
CA GLY B 105 -13.96 2.00 -19.56
C GLY B 105 -13.75 2.32 -18.08
N LYS B 106 -13.05 1.47 -17.32
CA LYS B 106 -12.77 1.70 -15.89
C LYS B 106 -11.26 1.82 -15.65
N SER B 107 -10.89 2.51 -14.57
CA SER B 107 -9.49 2.67 -14.11
C SER B 107 -9.37 2.14 -12.69
N TYR B 108 -8.21 1.59 -12.38
CA TYR B 108 -7.88 0.91 -11.10
C TYR B 108 -6.53 1.43 -10.61
N VAL B 109 -6.41 1.61 -9.31
CA VAL B 109 -5.21 2.22 -8.68
C VAL B 109 -4.69 1.28 -7.59
N VAL B 110 -3.37 1.13 -7.53
CA VAL B 110 -2.71 0.31 -6.48
C VAL B 110 -2.40 1.19 -5.28
N TYR B 111 -2.76 0.70 -4.10
CA TYR B 111 -2.32 1.22 -2.77
C TYR B 111 -1.33 0.22 -2.17
N GLU B 112 -0.36 0.71 -1.39
CA GLU B 112 0.60 -0.15 -0.66
C GLU B 112 0.75 0.34 0.78
N SER B 113 0.92 -0.62 1.68
CA SER B 113 1.16 -0.40 3.13
C SER B 113 2.32 -1.31 3.55
N ALA B 114 3.43 -0.73 4.02
CA ALA B 114 4.64 -1.50 4.43
C ALA B 114 4.77 -1.39 5.94
N ARG B 115 4.37 -2.43 6.68
CA ARG B 115 4.23 -2.38 8.16
C ARG B 115 5.24 -3.34 8.79
N SER B 116 6.17 -2.81 9.58
CA SER B 116 7.27 -3.61 10.20
C SER B 116 6.67 -4.68 11.12
N LEU B 117 7.25 -5.88 11.13
CA LEU B 117 6.86 -6.94 12.08
C LEU B 117 7.23 -6.50 13.51
N GLU B 118 8.37 -5.82 13.66
CA GLU B 118 8.88 -5.40 14.99
C GLU B 118 8.34 -4.01 15.32
N ARG B 119 8.28 -3.71 16.61
CA ARG B 119 7.97 -2.34 17.11
C ARG B 119 9.22 -1.49 16.89
N LEU B 120 9.13 -0.47 16.03
CA LEU B 120 10.30 0.35 15.60
C LEU B 120 10.07 1.84 15.86
N ILE B 121 8.86 2.25 16.22
CA ILE B 121 8.49 3.67 16.46
C ILE B 121 8.21 3.84 17.95
N ASP B 122 8.90 4.78 18.59
CA ASP B 122 8.62 5.23 19.97
C ASP B 122 7.57 6.35 19.88
N THR B 123 6.35 6.08 20.31
CA THR B 123 5.19 7.01 20.18
C THR B 123 5.02 7.86 21.44
N ASP B 124 5.72 7.54 22.53
CA ASP B 124 5.45 8.14 23.87
C ASP B 124 6.72 8.66 24.55
N TYR B 125 7.84 8.72 23.82
CA TYR B 125 9.12 9.37 24.23
C TYR B 125 9.63 8.82 25.56
N ASP B 126 9.47 7.52 25.74
CA ASP B 126 10.10 6.75 26.85
C ASP B 126 11.39 6.10 26.33
N ASN B 127 11.77 6.36 25.07
CA ASN B 127 12.97 5.81 24.38
C ASN B 127 12.78 4.31 24.12
N ILE B 128 11.57 3.78 24.32
CA ILE B 128 11.22 2.36 24.02
C ILE B 128 10.29 2.37 22.80
N PRO B 129 10.72 1.81 21.64
CA PRO B 129 9.85 1.67 20.48
C PRO B 129 8.67 0.75 20.85
N ASP B 130 7.46 1.14 20.43
CA ASP B 130 6.22 0.52 20.94
C ASP B 130 5.17 0.29 19.84
N THR B 131 5.43 0.66 18.58
CA THR B 131 4.50 0.41 17.46
C THR B 131 5.31 0.18 16.18
N PRO B 132 4.78 -0.62 15.21
CA PRO B 132 5.45 -0.77 13.93
C PRO B 132 5.68 0.54 13.17
N GLN B 133 6.76 0.58 12.41
CA GLN B 133 6.95 1.61 11.35
C GLN B 133 6.02 1.22 10.19
N ASN B 134 5.26 2.17 9.65
CA ASN B 134 4.24 1.84 8.62
C ASN B 134 4.01 3.01 7.69
N PRO B 135 4.94 3.33 6.76
CA PRO B 135 4.63 4.24 5.66
C PRO B 135 3.62 3.59 4.70
N VAL B 136 2.84 4.42 4.01
CA VAL B 136 1.82 3.96 3.03
C VAL B 136 1.94 4.82 1.79
N HIS B 137 1.38 4.31 0.69
CA HIS B 137 1.12 5.12 -0.52
C HIS B 137 -0.31 4.79 -0.99
N GLU B 138 -1.22 5.72 -0.77
CA GLU B 138 -2.68 5.53 -0.95
C GLU B 138 -3.22 6.73 -1.72
N ASP B 139 -2.68 6.97 -2.91
CA ASP B 139 -3.03 8.13 -3.77
C ASP B 139 -3.91 7.63 -4.90
N PRO B 140 -5.23 7.92 -4.86
CA PRO B 140 -6.16 7.43 -5.88
C PRO B 140 -5.90 8.04 -7.26
N LYS B 141 -5.17 9.15 -7.33
CA LYS B 141 -4.94 9.88 -8.61
C LYS B 141 -3.50 9.70 -9.10
N ASP B 142 -2.72 8.77 -8.53
CA ASP B 142 -1.31 8.57 -8.94
C ASP B 142 -1.27 7.80 -10.25
N PRO B 143 -0.88 8.41 -11.39
CA PRO B 143 -0.86 7.68 -12.66
C PRO B 143 0.10 6.48 -12.63
N ALA B 144 1.18 6.56 -11.85
CA ALA B 144 2.22 5.50 -11.83
C ALA B 144 1.62 4.22 -11.22
N GLN B 145 0.52 4.34 -10.48
CA GLN B 145 -0.14 3.22 -9.76
C GLN B 145 -1.44 2.81 -10.46
N THR B 146 -1.77 3.42 -11.60
CA THR B 146 -3.10 3.30 -12.24
C THR B 146 -3.03 2.39 -13.48
N ILE B 147 -4.09 1.60 -13.67
CA ILE B 147 -4.35 0.77 -14.87
C ILE B 147 -5.68 1.24 -15.46
N THR B 148 -5.69 1.61 -16.74
CA THR B 148 -6.92 1.99 -17.47
C THR B 148 -7.22 0.88 -18.49
N VAL B 149 -8.46 0.42 -18.54
CA VAL B 149 -8.92 -0.60 -19.53
C VAL B 149 -9.60 0.13 -20.69
N VAL B 150 -9.04 -0.03 -21.89
CA VAL B 150 -9.50 0.64 -23.14
C VAL B 150 -10.05 -0.43 -24.07
N PRO B 151 -10.79 -0.05 -25.14
CA PRO B 151 -11.20 -1.01 -26.15
C PRO B 151 -9.97 -1.64 -26.84
N TYR C 5 -22.98 -39.37 -7.28
CA TYR C 5 -22.41 -38.52 -6.19
C TYR C 5 -23.53 -37.67 -5.59
N GLU C 6 -23.90 -37.95 -4.35
CA GLU C 6 -24.93 -37.17 -3.60
C GLU C 6 -24.24 -35.98 -2.94
N ASN C 7 -24.61 -34.78 -3.35
CA ASN C 7 -24.02 -33.54 -2.80
C ASN C 7 -24.34 -33.48 -1.30
N PRO C 8 -23.35 -33.11 -0.45
CA PRO C 8 -23.63 -32.85 0.96
C PRO C 8 -24.57 -31.63 1.07
N ALA C 9 -25.45 -31.67 2.07
CA ALA C 9 -26.41 -30.58 2.39
C ALA C 9 -25.99 -29.93 3.71
N GLY C 10 -25.03 -29.00 3.63
CA GLY C 10 -24.42 -28.37 4.81
C GLY C 10 -25.35 -27.36 5.46
N GLU C 11 -25.32 -27.28 6.79
CA GLU C 11 -26.09 -26.30 7.57
C GLU C 11 -25.23 -25.88 8.77
N ILE C 12 -25.14 -24.58 9.02
CA ILE C 12 -24.45 -24.07 10.24
C ILE C 12 -25.40 -23.17 11.03
N ARG C 13 -25.33 -23.30 12.35
CA ARG C 13 -26.01 -22.45 13.35
C ARG C 13 -24.91 -21.87 14.23
N THR C 14 -25.19 -20.77 14.92
CA THR C 14 -24.15 -20.00 15.63
C THR C 14 -24.68 -19.55 17.00
N THR C 15 -23.79 -19.47 17.98
CA THR C 15 -24.10 -18.99 19.34
C THR C 15 -22.94 -18.11 19.81
N VAL C 16 -23.20 -16.83 19.98
CA VAL C 16 -22.17 -15.81 20.36
C VAL C 16 -21.99 -15.83 21.87
N LYS C 17 -20.76 -15.59 22.33
CA LYS C 17 -20.47 -15.29 23.75
C LYS C 17 -19.71 -13.96 23.80
N ALA C 18 -20.19 -13.02 24.62
CA ALA C 18 -19.59 -11.69 24.85
C ALA C 18 -19.27 -11.56 26.33
N ASN C 19 -17.98 -11.47 26.68
CA ASN C 19 -17.51 -11.61 28.08
C ASN C 19 -18.18 -12.86 28.67
N SER C 20 -19.01 -12.75 29.70
CA SER C 20 -19.58 -13.95 30.39
C SER C 20 -21.01 -14.24 29.92
N SER C 21 -21.54 -13.48 28.95
CA SER C 21 -22.94 -13.56 28.47
C SER C 21 -23.02 -14.33 27.14
N THR C 22 -23.89 -15.33 27.05
CA THR C 22 -24.10 -16.18 25.85
C THR C 22 -25.49 -15.89 25.26
N GLY C 23 -25.58 -15.73 23.94
CA GLY C 23 -26.88 -15.65 23.25
C GLY C 23 -27.61 -16.98 23.33
N ASN C 24 -28.93 -16.95 23.26
CA ASN C 24 -29.72 -18.21 23.16
C ASN C 24 -30.85 -17.98 22.16
N GLU C 25 -31.70 -18.99 21.96
CA GLU C 25 -32.77 -18.99 20.91
C GLU C 25 -33.80 -17.91 21.24
N THR C 26 -33.84 -17.41 22.49
CA THR C 26 -34.85 -16.46 22.99
C THR C 26 -34.31 -15.03 22.96
N ALA C 27 -33.08 -14.78 23.44
CA ALA C 27 -32.61 -13.41 23.73
C ALA C 27 -31.12 -13.28 23.44
N PRO C 28 -30.69 -12.10 22.95
CA PRO C 28 -29.28 -11.79 22.77
C PRO C 28 -28.46 -11.86 24.06
N ALA C 29 -27.16 -12.09 23.92
CA ALA C 29 -26.14 -11.75 24.94
C ALA C 29 -26.22 -10.24 25.23
N GLN C 30 -25.75 -9.86 26.41
CA GLN C 30 -25.75 -8.46 26.89
C GLN C 30 -24.41 -8.18 27.56
N VAL C 31 -23.86 -6.99 27.31
CA VAL C 31 -22.73 -6.41 28.08
C VAL C 31 -23.09 -4.97 28.43
N SER C 32 -22.57 -4.47 29.54
CA SER C 32 -22.79 -3.08 30.01
C SER C 32 -21.92 -2.11 29.19
N GLU C 33 -22.25 -0.81 29.22
CA GLU C 33 -21.42 0.26 28.62
C GLU C 33 -20.00 0.18 29.21
N ASN C 34 -19.88 0.02 30.53
CA ASN C 34 -18.58 -0.12 31.26
C ASN C 34 -17.75 -1.22 30.61
N GLU C 35 -18.34 -2.40 30.40
CA GLU C 35 -17.65 -3.56 29.76
C GLU C 35 -17.22 -3.19 28.34
N ALA C 36 -18.10 -2.53 27.57
CA ALA C 36 -17.82 -2.14 26.16
C ALA C 36 -16.63 -1.17 26.12
N GLU C 37 -16.54 -0.25 27.09
CA GLU C 37 -15.45 0.74 27.18
C GLU C 37 -14.10 0.02 27.41
N SER C 38 -14.10 -1.09 28.16
CA SER C 38 -12.87 -1.86 28.53
C SER C 38 -12.50 -2.86 27.44
N GLY C 39 -13.39 -3.13 26.49
CA GLY C 39 -13.18 -4.15 25.44
C GLY C 39 -13.85 -5.46 25.80
N VAL C 40 -14.60 -6.02 24.85
CA VAL C 40 -15.49 -7.19 25.05
C VAL C 40 -14.86 -8.39 24.34
N THR C 41 -14.63 -9.49 25.06
CA THR C 41 -14.16 -10.78 24.49
C THR C 41 -15.34 -11.39 23.73
N VAL C 42 -15.17 -11.62 22.42
CA VAL C 42 -16.25 -12.18 21.58
C VAL C 42 -15.75 -13.50 20.98
N THR C 43 -16.47 -14.58 21.27
CA THR C 43 -16.26 -15.93 20.68
C THR C 43 -17.60 -16.40 20.09
N ASP C 44 -17.52 -17.34 19.16
CA ASP C 44 -18.75 -17.85 18.51
C ASP C 44 -18.64 -19.37 18.39
N THR C 45 -19.68 -20.09 18.82
CA THR C 45 -19.79 -21.55 18.60
C THR C 45 -20.51 -21.75 17.27
N ILE C 46 -19.90 -22.51 16.37
CA ILE C 46 -20.48 -22.87 15.05
C ILE C 46 -20.85 -24.35 15.14
N SER C 47 -22.15 -24.63 15.19
CA SER C 47 -22.71 -26.00 15.16
C SER C 47 -23.03 -26.34 13.70
N TYR C 48 -22.43 -27.42 13.19
CA TYR C 48 -22.56 -27.79 11.76
C TYR C 48 -23.17 -29.19 11.64
N THR C 49 -23.89 -29.39 10.53
CA THR C 49 -24.35 -30.72 10.04
C THR C 49 -24.17 -30.76 8.52
N GLY C 50 -24.14 -31.96 7.95
CA GLY C 50 -24.06 -32.17 6.50
C GLY C 50 -22.74 -31.69 5.91
N LEU C 51 -21.66 -31.65 6.70
CA LEU C 51 -20.30 -31.41 6.15
C LEU C 51 -19.68 -32.77 5.80
N VAL C 52 -18.57 -32.75 5.05
CA VAL C 52 -17.87 -33.99 4.63
C VAL C 52 -16.83 -34.31 5.71
N GLY C 53 -16.97 -35.46 6.36
CA GLY C 53 -16.12 -35.89 7.48
C GLY C 53 -14.65 -35.78 7.14
N GLY C 54 -13.87 -35.15 8.02
CA GLY C 54 -12.40 -35.07 7.91
C GLY C 54 -11.92 -34.01 6.94
N LYS C 55 -12.82 -33.27 6.28
CA LYS C 55 -12.44 -32.21 5.31
C LYS C 55 -12.24 -30.90 6.08
N THR C 56 -11.35 -30.05 5.58
CA THR C 56 -11.01 -28.76 6.22
C THR C 56 -11.82 -27.66 5.56
N TYR C 57 -12.32 -26.75 6.38
CA TYR C 57 -13.12 -25.57 5.98
C TYR C 57 -12.41 -24.31 6.46
N LYS C 58 -12.31 -23.31 5.59
CA LYS C 58 -12.01 -21.93 6.02
C LYS C 58 -13.30 -21.38 6.62
N VAL C 59 -13.28 -21.16 7.94
CA VAL C 59 -14.45 -20.64 8.69
C VAL C 59 -14.15 -19.19 9.03
N THR C 60 -14.94 -18.27 8.48
CA THR C 60 -14.81 -16.81 8.73
C THR C 60 -16.11 -16.28 9.32
N GLY C 61 -15.98 -15.50 10.39
CA GLY C 61 -17.12 -14.81 11.02
C GLY C 61 -16.98 -13.32 10.83
N SER C 62 -18.10 -12.62 10.81
CA SER C 62 -18.17 -11.14 10.85
C SER C 62 -19.09 -10.72 11.99
N LEU C 63 -18.70 -9.69 12.73
CA LEU C 63 -19.59 -9.01 13.69
C LEU C 63 -20.17 -7.77 13.00
N ASN C 64 -21.49 -7.66 12.98
CA ASN C 64 -22.24 -6.69 12.15
C ASN C 64 -23.13 -5.81 13.05
N LEU C 65 -22.95 -4.50 12.94
CA LEU C 65 -23.90 -3.53 13.53
C LEU C 65 -25.25 -3.74 12.85
N VAL C 66 -26.32 -3.89 13.63
CA VAL C 66 -27.69 -4.10 13.12
C VAL C 66 -28.57 -2.97 13.67
N GLU C 67 -29.21 -2.22 12.77
CA GLU C 67 -30.14 -1.12 13.11
C GLU C 67 -31.50 -1.43 12.46
N ASN C 68 -32.55 -1.49 13.28
CA ASN C 68 -33.94 -1.76 12.85
C ASN C 68 -33.96 -3.01 11.95
N GLY C 69 -33.30 -4.09 12.40
CA GLY C 69 -33.39 -5.44 11.81
C GLY C 69 -32.49 -5.64 10.59
N LYS C 70 -31.66 -4.65 10.23
CA LYS C 70 -30.81 -4.68 9.02
C LYS C 70 -29.34 -4.50 9.43
N ALA C 71 -28.45 -5.28 8.82
CA ALA C 71 -26.97 -5.20 8.99
C ALA C 71 -26.44 -4.01 8.17
N VAL C 72 -25.68 -3.11 8.79
CA VAL C 72 -25.31 -1.81 8.16
C VAL C 72 -23.79 -1.57 8.21
N LYS C 73 -23.00 -2.40 8.90
CA LYS C 73 -21.55 -2.14 9.07
C LYS C 73 -20.87 -3.35 9.69
N VAL C 74 -19.71 -3.73 9.15
CA VAL C 74 -18.84 -4.82 9.68
C VAL C 74 -17.84 -4.20 10.67
N VAL C 75 -17.91 -4.61 11.94
CA VAL C 75 -17.07 -4.11 13.06
C VAL C 75 -15.73 -4.85 13.05
N VAL C 76 -15.75 -6.17 12.87
CA VAL C 76 -14.55 -7.05 12.97
C VAL C 76 -14.87 -8.35 12.23
N THR C 77 -13.84 -9.02 11.73
CA THR C 77 -13.92 -10.40 11.22
C THR C 77 -12.86 -11.26 11.91
N ALA C 78 -13.03 -12.56 11.85
CA ALA C 78 -12.09 -13.57 12.40
C ALA C 78 -12.18 -14.80 11.52
N THR C 79 -11.07 -15.53 11.37
CA THR C 79 -11.00 -16.69 10.46
C THR C 79 -10.13 -17.78 11.09
N ALA C 80 -10.43 -19.03 10.76
CA ALA C 80 -9.68 -20.22 11.18
C ALA C 80 -9.92 -21.34 10.16
N GLU C 81 -8.93 -22.22 9.98
CA GLU C 81 -9.08 -23.46 9.19
C GLU C 81 -9.41 -24.59 10.16
N LEU C 82 -10.64 -25.11 10.08
CA LEU C 82 -11.20 -26.09 11.03
C LEU C 82 -11.64 -27.32 10.26
N LYS C 83 -11.46 -28.49 10.87
CA LYS C 83 -11.73 -29.81 10.26
C LYS C 83 -13.07 -30.33 10.77
N ALA C 84 -13.93 -30.78 9.86
CA ALA C 84 -15.22 -31.43 10.20
C ALA C 84 -14.95 -32.77 10.89
N ASP C 85 -15.69 -33.06 11.95
CA ASP C 85 -15.74 -34.40 12.60
C ASP C 85 -16.02 -35.47 11.54
N GLU C 86 -15.48 -36.67 11.71
CA GLU C 86 -15.64 -37.80 10.73
C GLU C 86 -17.13 -38.05 10.44
N SER C 87 -18.03 -37.80 11.40
CA SER C 87 -19.51 -38.01 11.25
C SER C 87 -20.14 -36.92 10.38
N GLY C 88 -19.45 -35.81 10.12
CA GLY C 88 -19.96 -34.68 9.31
C GLY C 88 -20.81 -33.72 10.14
N LYS C 89 -20.89 -33.94 11.45
CA LYS C 89 -21.63 -33.04 12.38
CA LYS C 89 -21.63 -33.05 12.39
C LYS C 89 -20.79 -32.85 13.66
N GLY C 90 -20.96 -31.69 14.29
CA GLY C 90 -20.20 -31.34 15.50
C GLY C 90 -20.21 -29.84 15.68
N SER C 91 -19.23 -29.32 16.41
CA SER C 91 -19.16 -27.86 16.63
C SER C 91 -17.71 -27.40 16.67
N TRP C 92 -17.55 -26.13 16.32
CA TRP C 92 -16.28 -25.39 16.25
C TRP C 92 -16.41 -24.14 17.12
N GLU C 93 -15.26 -23.61 17.56
CA GLU C 93 -15.15 -22.31 18.27
C GLU C 93 -14.34 -21.37 17.38
N LEU C 94 -14.84 -20.15 17.19
CA LEU C 94 -14.08 -19.07 16.52
C LEU C 94 -13.91 -17.93 17.51
N ASP C 95 -12.67 -17.45 17.65
CA ASP C 95 -12.31 -16.36 18.59
C ASP C 95 -12.12 -15.05 17.80
N PHE C 96 -12.92 -14.03 18.11
CA PHE C 96 -12.81 -12.68 17.49
C PHE C 96 -11.81 -11.81 18.28
N GLY C 97 -11.43 -12.25 19.49
CA GLY C 97 -10.52 -11.52 20.38
C GLY C 97 -11.27 -10.45 21.17
N THR C 98 -10.57 -9.45 21.69
CA THR C 98 -11.16 -8.36 22.48
C THR C 98 -11.57 -7.23 21.53
N ILE C 99 -12.86 -6.88 21.52
CA ILE C 99 -13.47 -5.90 20.58
C ILE C 99 -13.70 -4.57 21.30
N ALA C 100 -13.12 -3.50 20.75
CA ALA C 100 -13.29 -2.11 21.21
C ALA C 100 -14.42 -1.44 20.41
N GLY C 101 -15.05 -0.42 20.99
CA GLY C 101 -15.90 0.53 20.24
C GLY C 101 -17.34 0.10 20.12
N LEU C 102 -17.76 -1.00 20.75
CA LEU C 102 -19.21 -1.36 20.84
C LEU C 102 -19.93 -0.28 21.63
N GLU C 103 -21.07 0.19 21.12
CA GLU C 103 -21.75 1.43 21.61
C GLU C 103 -23.01 1.05 22.38
N GLU C 104 -23.24 1.72 23.51
CA GLU C 104 -24.48 1.61 24.33
C GLU C 104 -25.70 1.84 23.43
N GLY C 105 -26.73 1.01 23.59
CA GLY C 105 -27.99 1.12 22.85
C GLY C 105 -27.95 0.41 21.50
N LYS C 106 -26.77 -0.09 21.08
CA LYS C 106 -26.60 -0.75 19.77
C LYS C 106 -26.57 -2.28 19.95
N SER C 107 -26.93 -2.99 18.88
CA SER C 107 -26.89 -4.48 18.81
C SER C 107 -25.97 -4.89 17.65
N TYR C 108 -25.22 -5.96 17.86
CA TYR C 108 -24.20 -6.51 16.93
C TYR C 108 -24.48 -8.00 16.72
N VAL C 109 -24.46 -8.45 15.47
CA VAL C 109 -24.86 -9.84 15.12
C VAL C 109 -23.71 -10.54 14.42
N VAL C 110 -23.43 -11.77 14.83
CA VAL C 110 -22.37 -12.61 14.21
C VAL C 110 -22.97 -13.33 13.00
N TYR C 111 -22.29 -13.22 11.85
CA TYR C 111 -22.48 -14.05 10.64
C TYR C 111 -21.31 -15.03 10.54
N GLU C 112 -21.56 -16.23 10.03
CA GLU C 112 -20.49 -17.23 9.82
C GLU C 112 -20.61 -17.80 8.41
N SER C 113 -19.46 -18.04 7.78
CA SER C 113 -19.34 -18.66 6.44
C SER C 113 -18.24 -19.72 6.50
N ALA C 114 -18.60 -20.98 6.25
CA ALA C 114 -17.65 -22.11 6.19
C ALA C 114 -17.47 -22.48 4.72
N ARG C 115 -16.22 -22.52 4.23
CA ARG C 115 -15.93 -22.74 2.80
C ARG C 115 -14.87 -23.84 2.69
N SER C 116 -15.22 -24.97 2.06
CA SER C 116 -14.31 -26.14 1.99
C SER C 116 -13.06 -25.75 1.20
N LEU C 117 -11.89 -26.19 1.63
CA LEU C 117 -10.63 -25.97 0.87
C LEU C 117 -10.68 -26.83 -0.40
N GLU C 118 -11.29 -28.01 -0.32
CA GLU C 118 -11.40 -28.96 -1.45
C GLU C 118 -12.72 -28.75 -2.22
N ARG C 119 -12.78 -29.30 -3.43
CA ARG C 119 -14.01 -29.35 -4.25
C ARG C 119 -14.87 -30.51 -3.74
N LEU C 120 -16.04 -30.20 -3.17
CA LEU C 120 -16.92 -31.22 -2.52
C LEU C 120 -18.32 -31.24 -3.15
N ILE C 121 -18.64 -30.30 -4.04
CA ILE C 121 -19.97 -30.17 -4.69
C ILE C 121 -19.83 -30.51 -6.18
N ASP C 122 -20.60 -31.47 -6.65
CA ASP C 122 -20.73 -31.79 -8.10
C ASP C 122 -21.74 -30.80 -8.70
N THR C 123 -21.36 -30.12 -9.78
CA THR C 123 -22.20 -29.07 -10.41
C THR C 123 -22.45 -29.38 -11.89
N ASP C 124 -21.93 -30.48 -12.42
CA ASP C 124 -22.02 -30.81 -13.87
C ASP C 124 -22.49 -32.26 -14.08
N TYR C 125 -23.09 -32.87 -13.07
CA TYR C 125 -23.72 -34.22 -13.10
C TYR C 125 -22.75 -35.26 -13.68
N ASP C 126 -21.46 -35.17 -13.37
CA ASP C 126 -20.47 -36.18 -13.82
C ASP C 126 -20.05 -37.06 -12.63
N ASN C 127 -20.66 -36.83 -11.46
CA ASN C 127 -20.41 -37.59 -10.20
C ASN C 127 -18.97 -37.35 -9.72
N ILE C 128 -18.34 -36.27 -10.18
CA ILE C 128 -17.02 -35.80 -9.65
C ILE C 128 -17.24 -34.42 -9.06
N PRO C 129 -16.99 -34.24 -7.74
CA PRO C 129 -17.16 -32.93 -7.10
C PRO C 129 -16.13 -31.97 -7.74
N ASP C 130 -16.52 -30.72 -7.93
CA ASP C 130 -15.78 -29.77 -8.80
C ASP C 130 -15.87 -28.34 -8.26
N THR C 131 -16.60 -28.09 -7.18
CA THR C 131 -16.86 -26.75 -6.61
C THR C 131 -16.83 -26.82 -5.09
N PRO C 132 -16.27 -25.81 -4.39
CA PRO C 132 -16.27 -25.84 -2.92
C PRO C 132 -17.69 -25.82 -2.33
N GLN C 133 -17.84 -26.43 -1.14
CA GLN C 133 -19.05 -26.39 -0.30
C GLN C 133 -19.00 -25.14 0.59
N ASN C 134 -20.10 -24.37 0.68
CA ASN C 134 -20.10 -23.08 1.42
C ASN C 134 -21.43 -22.84 2.13
N PRO C 135 -21.73 -23.54 3.26
CA PRO C 135 -22.87 -23.18 4.08
C PRO C 135 -22.58 -21.88 4.84
N VAL C 136 -23.60 -21.05 5.01
CA VAL C 136 -23.46 -19.76 5.73
C VAL C 136 -24.61 -19.64 6.72
N HIS C 137 -24.44 -18.77 7.70
CA HIS C 137 -25.52 -18.34 8.62
C HIS C 137 -25.41 -16.82 8.77
N GLU C 138 -26.31 -16.09 8.10
CA GLU C 138 -26.25 -14.62 7.95
C GLU C 138 -27.63 -14.07 8.28
N ASP C 139 -28.07 -14.23 9.52
CA ASP C 139 -29.43 -13.84 9.95
C ASP C 139 -29.30 -12.65 10.89
N PRO C 140 -29.66 -11.42 10.44
CA PRO C 140 -29.52 -10.24 11.29
C PRO C 140 -30.46 -10.21 12.50
N LYS C 141 -31.45 -11.10 12.55
CA LYS C 141 -32.49 -11.11 13.62
C LYS C 141 -32.29 -12.32 14.54
N ASP C 142 -31.22 -13.11 14.38
CA ASP C 142 -30.98 -14.33 15.20
C ASP C 142 -30.48 -13.92 16.59
N PRO C 143 -31.30 -14.06 17.66
CA PRO C 143 -30.86 -13.65 19.00
C PRO C 143 -29.64 -14.41 19.51
N ALA C 144 -29.45 -15.66 19.06
CA ALA C 144 -28.34 -16.52 19.55
C ALA C 144 -27.00 -15.93 19.10
N GLN C 145 -27.02 -15.12 18.03
CA GLN C 145 -25.81 -14.54 17.41
C GLN C 145 -25.66 -13.06 17.79
N THR C 146 -26.53 -12.53 18.63
CA THR C 146 -26.65 -11.07 18.87
C THR C 146 -26.04 -10.69 20.22
N ILE C 147 -25.32 -9.56 20.23
CA ILE C 147 -24.82 -8.86 21.45
C ILE C 147 -25.52 -7.51 21.52
N THR C 148 -26.17 -7.20 22.63
CA THR C 148 -26.76 -5.87 22.89
C THR C 148 -25.92 -5.20 23.98
N VAL C 149 -25.59 -3.92 23.79
CA VAL C 149 -24.89 -3.10 24.83
C VAL C 149 -25.95 -2.29 25.56
N VAL C 150 -26.04 -2.48 26.87
CA VAL C 150 -27.05 -1.86 27.77
C VAL C 150 -26.34 -0.86 28.68
N PRO C 151 -27.06 0.11 29.27
CA PRO C 151 -26.44 1.02 30.23
C PRO C 151 -25.80 0.24 31.38
N TYR D 5 6.82 -23.97 -47.13
CA TYR D 5 7.46 -23.05 -46.15
C TYR D 5 6.56 -21.82 -45.95
N GLU D 6 6.06 -21.63 -44.73
CA GLU D 6 5.32 -20.42 -44.31
C GLU D 6 6.33 -19.44 -43.71
N ASN D 7 6.58 -18.31 -44.35
CA ASN D 7 7.54 -17.30 -43.83
C ASN D 7 7.05 -16.85 -42.46
N PRO D 8 7.97 -16.68 -41.48
CA PRO D 8 7.60 -16.10 -40.20
C PRO D 8 7.23 -14.62 -40.42
N ALA D 9 6.28 -14.13 -39.63
CA ALA D 9 5.80 -12.73 -39.65
C ALA D 9 6.33 -12.01 -38.41
N GLY D 10 7.58 -11.56 -38.47
CA GLY D 10 8.29 -10.96 -37.32
C GLY D 10 7.77 -9.57 -37.00
N GLU D 11 7.61 -9.26 -35.72
CA GLU D 11 7.21 -7.92 -35.23
C GLU D 11 7.96 -7.65 -33.93
N ILE D 12 8.51 -6.45 -33.78
CA ILE D 12 9.09 -6.02 -32.48
C ILE D 12 8.42 -4.72 -32.03
N ARG D 13 8.15 -4.64 -30.73
CA ARG D 13 7.70 -3.42 -30.02
C ARG D 13 8.79 -3.11 -28.99
N THR D 14 8.89 -1.86 -28.54
CA THR D 14 9.99 -1.43 -27.65
C THR D 14 9.43 -0.59 -26.50
N THR D 15 10.04 -0.73 -25.33
CA THR D 15 9.68 0.05 -24.13
C THR D 15 10.97 0.48 -23.44
N VAL D 16 11.20 1.79 -23.39
CA VAL D 16 12.45 2.36 -22.80
C VAL D 16 12.25 2.54 -21.30
N LYS D 17 13.32 2.34 -20.55
CA LYS D 17 13.41 2.71 -19.12
C LYS D 17 14.61 3.63 -18.95
N ALA D 18 14.37 4.79 -18.35
CA ALA D 18 15.37 5.84 -18.06
C ALA D 18 15.40 6.02 -16.54
N ASN D 19 16.49 5.61 -15.89
CA ASN D 19 16.55 5.55 -14.40
C ASN D 19 15.36 4.70 -13.93
N SER D 20 14.41 5.27 -13.19
CA SER D 20 13.27 4.50 -12.60
CA SER D 20 13.26 4.52 -12.60
C SER D 20 11.97 4.74 -13.40
N SER D 21 12.04 5.49 -14.51
CA SER D 21 10.86 5.88 -15.31
C SER D 21 10.75 5.01 -16.58
N THR D 22 9.60 4.40 -16.82
CA THR D 22 9.34 3.55 -18.02
C THR D 22 8.35 4.25 -18.95
N GLY D 23 8.66 4.29 -20.25
CA GLY D 23 7.69 4.73 -21.27
C GLY D 23 6.48 3.81 -21.32
N ASN D 24 5.34 4.33 -21.74
CA ASN D 24 4.15 3.48 -22.00
C ASN D 24 3.41 3.99 -23.25
N GLU D 25 2.29 3.35 -23.58
CA GLU D 25 1.49 3.59 -24.80
C GLU D 25 1.04 5.05 -24.84
N THR D 26 0.94 5.70 -23.67
CA THR D 26 0.31 7.03 -23.53
C THR D 26 1.38 8.12 -23.44
N ALA D 27 2.43 7.91 -22.64
CA ALA D 27 3.37 9.01 -22.27
C ALA D 27 4.80 8.52 -22.20
N PRO D 28 5.76 9.36 -22.64
CA PRO D 28 7.17 9.07 -22.49
C PRO D 28 7.63 8.88 -21.04
N ALA D 29 8.72 8.14 -20.87
CA ALA D 29 9.54 8.16 -19.64
C ALA D 29 9.99 9.61 -19.41
N GLN D 30 10.19 9.99 -18.15
CA GLN D 30 10.65 11.36 -17.81
CA GLN D 30 10.66 11.36 -17.82
C GLN D 30 11.80 11.27 -16.80
N VAL D 31 12.81 12.13 -16.99
CA VAL D 31 13.91 12.35 -16.02
C VAL D 31 14.03 13.87 -15.84
N SER D 32 14.45 14.30 -14.65
CA SER D 32 14.68 15.73 -14.33
C SER D 32 15.99 16.19 -14.98
N GLU D 33 16.21 17.49 -15.06
CA GLU D 33 17.50 18.06 -15.54
C GLU D 33 18.61 17.55 -14.61
N ASN D 34 18.38 17.50 -13.30
CA ASN D 34 19.38 17.04 -12.31
C ASN D 34 19.75 15.58 -12.64
N GLU D 35 18.76 14.72 -12.90
CA GLU D 35 19.01 13.32 -13.33
C GLU D 35 19.85 13.32 -14.62
N ALA D 36 19.49 14.15 -15.60
CA ALA D 36 20.21 14.22 -16.90
C ALA D 36 21.67 14.62 -16.67
N GLU D 37 21.90 15.58 -15.77
CA GLU D 37 23.26 16.06 -15.42
C GLU D 37 24.06 14.94 -14.75
N SER D 38 23.39 13.98 -14.09
CA SER D 38 24.02 12.93 -13.23
C SER D 38 24.32 11.65 -14.03
N GLY D 39 23.86 11.55 -15.27
CA GLY D 39 23.99 10.33 -16.08
C GLY D 39 22.78 9.44 -15.92
N VAL D 40 22.11 9.13 -17.03
CA VAL D 40 20.82 8.39 -17.05
C VAL D 40 21.08 6.96 -17.50
N THR D 41 20.70 5.97 -16.69
CA THR D 41 20.78 4.55 -17.10
C THR D 41 19.63 4.30 -18.06
N VAL D 42 19.96 3.86 -19.28
CA VAL D 42 18.94 3.60 -20.33
C VAL D 42 18.97 2.11 -20.69
N THR D 43 17.81 1.46 -20.57
CA THR D 43 17.61 0.08 -21.05
C THR D 43 16.36 0.08 -21.94
N ASP D 44 16.32 -0.85 -22.88
CA ASP D 44 15.15 -0.96 -23.77
C ASP D 44 14.65 -2.41 -23.75
N THR D 45 13.37 -2.62 -23.47
CA THR D 45 12.74 -3.95 -23.57
C THR D 45 12.26 -4.12 -25.00
N ILE D 46 12.73 -5.16 -25.69
CA ILE D 46 12.27 -5.51 -27.06
C ILE D 46 11.33 -6.70 -26.92
N SER D 47 10.05 -6.48 -27.15
CA SER D 47 8.99 -7.53 -27.14
C SER D 47 8.78 -8.00 -28.56
N TYR D 48 9.05 -9.28 -28.83
CA TYR D 48 9.03 -9.84 -30.21
C TYR D 48 7.97 -10.94 -30.32
N THR D 49 7.38 -11.04 -31.52
N THR D 49 7.44 -11.08 -31.54
CA THR D 49 6.52 -12.16 -31.96
CA THR D 49 6.52 -12.16 -31.96
C THR D 49 6.94 -12.56 -33.38
C THR D 49 6.87 -12.54 -33.39
N GLY D 50 6.60 -13.78 -33.78
CA GLY D 50 6.83 -14.26 -35.16
C GLY D 50 8.31 -14.36 -35.50
N LEU D 51 9.17 -14.56 -34.49
CA LEU D 51 10.58 -14.91 -34.74
C LEU D 51 10.67 -16.43 -34.84
N VAL D 52 11.83 -16.94 -35.23
CA VAL D 52 12.06 -18.41 -35.33
C VAL D 52 12.71 -18.87 -34.04
N GLY D 53 12.03 -19.78 -33.32
CA GLY D 53 12.50 -20.31 -32.02
C GLY D 53 13.94 -20.77 -32.07
N GLY D 54 14.76 -20.31 -31.13
CA GLY D 54 16.14 -20.79 -30.94
C GLY D 54 17.14 -20.15 -31.89
N LYS D 55 16.70 -19.27 -32.81
CA LYS D 55 17.61 -18.59 -33.76
C LYS D 55 18.19 -17.33 -33.10
N THR D 56 19.40 -16.97 -33.50
CA THR D 56 20.13 -15.79 -32.98
C THR D 56 19.87 -14.59 -33.89
N TYR D 57 19.61 -13.45 -33.28
CA TYR D 57 19.36 -12.15 -33.95
C TYR D 57 20.40 -11.15 -33.46
N LYS D 58 21.06 -10.44 -34.39
CA LYS D 58 21.84 -9.24 -34.06
C LYS D 58 20.83 -8.11 -33.82
N VAL D 59 20.75 -7.64 -32.58
CA VAL D 59 19.80 -6.57 -32.17
C VAL D 59 20.61 -5.30 -31.96
N THR D 60 20.30 -4.24 -32.70
CA THR D 60 20.97 -2.93 -32.56
C THR D 60 19.90 -1.88 -32.26
N GLY D 61 20.15 -1.06 -31.23
CA GLY D 61 19.26 0.05 -30.89
C GLY D 61 19.99 1.37 -31.03
N SER D 62 19.24 2.45 -31.26
CA SER D 62 19.78 3.82 -31.32
C SER D 62 18.87 4.70 -30.48
N LEU D 63 19.46 5.65 -29.77
CA LEU D 63 18.72 6.71 -29.03
C LEU D 63 18.87 7.99 -29.86
N ASN D 64 17.75 8.61 -30.21
CA ASN D 64 17.67 9.67 -31.24
C ASN D 64 17.00 10.91 -30.67
N LEU D 65 17.64 12.08 -30.78
CA LEU D 65 16.98 13.38 -30.53
C LEU D 65 15.81 13.50 -31.50
N VAL D 66 14.63 13.89 -30.99
CA VAL D 66 13.39 14.12 -31.79
C VAL D 66 13.10 15.62 -31.78
N GLU D 67 12.74 16.16 -32.94
CA GLU D 67 12.27 17.56 -33.09
C GLU D 67 11.08 17.56 -34.05
N ASN D 68 9.92 18.02 -33.56
CA ASN D 68 8.66 18.11 -34.35
C ASN D 68 8.39 16.77 -35.04
N GLY D 69 8.53 15.67 -34.30
CA GLY D 69 8.13 14.31 -34.71
C GLY D 69 9.15 13.61 -35.60
N LYS D 70 10.36 14.17 -35.74
CA LYS D 70 11.42 13.63 -36.64
C LYS D 70 12.70 13.36 -35.85
N ALA D 71 13.36 12.22 -36.11
CA ALA D 71 14.69 11.89 -35.55
C ALA D 71 15.74 12.74 -36.27
N VAL D 72 16.55 13.50 -35.53
CA VAL D 72 17.47 14.50 -36.15
C VAL D 72 18.93 14.26 -35.76
N LYS D 73 19.22 13.41 -34.76
CA LYS D 73 20.61 13.17 -34.30
C LYS D 73 20.67 11.88 -33.50
N VAL D 74 21.69 11.06 -33.73
CA VAL D 74 21.95 9.82 -32.94
C VAL D 74 22.81 10.18 -31.72
N VAL D 75 22.30 9.91 -30.53
CA VAL D 75 23.01 10.19 -29.25
C VAL D 75 23.95 9.02 -28.96
N VAL D 76 23.43 7.81 -29.02
CA VAL D 76 24.18 6.57 -28.67
C VAL D 76 23.51 5.38 -29.37
N THR D 77 24.28 4.32 -29.62
CA THR D 77 23.79 3.01 -30.10
C THR D 77 24.26 1.93 -29.12
N ALA D 78 23.63 0.77 -29.21
CA ALA D 78 23.95 -0.42 -28.41
C ALA D 78 23.61 -1.65 -29.24
N THR D 79 24.32 -2.75 -29.03
CA THR D 79 24.13 -3.97 -29.85
C THR D 79 24.40 -5.21 -29.02
N ALA D 80 23.70 -6.28 -29.33
CA ALA D 80 23.86 -7.61 -28.72
C ALA D 80 23.40 -8.67 -29.73
N GLU D 81 23.91 -9.88 -29.60
CA GLU D 81 23.33 -11.07 -30.28
C GLU D 81 22.51 -11.82 -29.25
N LEU D 82 21.24 -12.02 -29.57
CA LEU D 82 20.20 -12.53 -28.64
C LEU D 82 19.44 -13.66 -29.33
N LYS D 83 19.11 -14.69 -28.56
CA LYS D 83 18.40 -15.91 -29.03
C LYS D 83 16.90 -15.72 -28.81
N ALA D 84 16.08 -15.98 -29.83
CA ALA D 84 14.60 -16.02 -29.67
C ALA D 84 14.23 -17.23 -28.81
N ASP D 85 13.29 -17.05 -27.87
CA ASP D 85 12.67 -18.14 -27.09
C ASP D 85 12.10 -19.18 -28.06
N GLU D 86 11.99 -20.44 -27.63
CA GLU D 86 11.57 -21.58 -28.50
C GLU D 86 10.22 -21.31 -29.18
N SER D 87 9.32 -20.55 -28.57
CA SER D 87 7.96 -20.24 -29.09
C SER D 87 8.01 -19.21 -30.23
N GLY D 88 9.12 -18.47 -30.36
CA GLY D 88 9.26 -17.35 -31.31
C GLY D 88 8.65 -16.06 -30.78
N LYS D 89 8.17 -16.07 -29.53
CA LYS D 89 7.58 -14.90 -28.82
C LYS D 89 8.26 -14.76 -27.46
N GLY D 90 8.50 -13.52 -27.04
CA GLY D 90 9.18 -13.26 -25.76
C GLY D 90 9.70 -11.85 -25.72
N SER D 91 10.66 -11.59 -24.83
CA SER D 91 11.27 -10.25 -24.74
C SER D 91 12.76 -10.36 -24.43
N TRP D 92 13.47 -9.33 -24.87
CA TRP D 92 14.91 -9.11 -24.65
C TRP D 92 15.09 -7.77 -23.93
N GLU D 93 16.19 -7.63 -23.21
CA GLU D 93 16.66 -6.35 -22.63
C GLU D 93 17.95 -5.94 -23.34
N LEU D 94 18.02 -4.71 -23.81
CA LEU D 94 19.28 -4.14 -24.37
C LEU D 94 19.70 -2.99 -23.46
N ASP D 95 20.89 -3.10 -22.89
CA ASP D 95 21.48 -2.12 -21.96
C ASP D 95 22.31 -1.12 -22.77
N PHE D 96 21.91 0.15 -22.80
CA PHE D 96 22.64 1.26 -23.49
C PHE D 96 23.72 1.85 -22.58
N GLY D 97 23.71 1.51 -21.29
CA GLY D 97 24.70 2.04 -20.32
C GLY D 97 24.21 3.34 -19.71
N THR D 98 25.12 4.18 -19.24
CA THR D 98 24.81 5.42 -18.52
C THR D 98 25.04 6.61 -19.44
N ILE D 99 23.97 7.31 -19.80
CA ILE D 99 23.98 8.30 -20.91
C ILE D 99 24.16 9.73 -20.37
N ALA D 100 25.14 10.45 -20.91
CA ALA D 100 25.45 11.85 -20.55
C ALA D 100 24.88 12.80 -21.61
N GLY D 101 24.57 14.04 -21.22
CA GLY D 101 24.31 15.15 -22.15
C GLY D 101 22.87 15.23 -22.66
N LEU D 102 21.93 14.48 -22.09
CA LEU D 102 20.50 14.67 -22.42
C LEU D 102 20.08 16.04 -21.87
N GLU D 103 19.32 16.82 -22.64
CA GLU D 103 19.10 18.26 -22.37
C GLU D 103 17.66 18.52 -21.96
N GLU D 104 17.48 19.41 -20.98
CA GLU D 104 16.15 19.85 -20.47
C GLU D 104 15.32 20.36 -21.65
N GLY D 105 14.06 19.95 -21.71
CA GLY D 105 13.09 20.37 -22.73
C GLY D 105 13.13 19.51 -23.98
N LYS D 106 14.09 18.57 -24.09
CA LYS D 106 14.26 17.75 -25.32
C LYS D 106 13.75 16.33 -25.06
N SER D 107 13.37 15.67 -26.14
CA SER D 107 12.87 14.28 -26.14
C SER D 107 13.76 13.41 -27.02
N TYR D 108 13.94 12.17 -26.60
CA TYR D 108 14.85 11.18 -27.21
C TYR D 108 14.09 9.89 -27.40
N VAL D 109 14.24 9.27 -28.58
CA VAL D 109 13.44 8.08 -28.94
C VAL D 109 14.37 6.91 -29.31
N VAL D 110 14.02 5.72 -28.84
CA VAL D 110 14.75 4.47 -29.13
C VAL D 110 14.17 3.84 -30.40
N TYR D 111 15.05 3.51 -31.34
CA TYR D 111 14.79 2.65 -32.50
C TYR D 111 15.46 1.30 -32.24
N GLU D 112 14.86 0.22 -32.72
CA GLU D 112 15.49 -1.13 -32.64
C GLU D 112 15.39 -1.82 -34.00
N SER D 113 16.41 -2.58 -34.34
CA SER D 113 16.46 -3.44 -35.55
C SER D 113 17.05 -4.78 -35.16
N ALA D 114 16.27 -5.86 -35.32
CA ALA D 114 16.69 -7.25 -35.07
C ALA D 114 16.93 -7.90 -36.45
N ARG D 115 18.10 -8.50 -36.65
CA ARG D 115 18.49 -9.08 -37.95
C ARG D 115 19.04 -10.49 -37.70
N SER D 116 18.39 -11.52 -38.24
CA SER D 116 18.79 -12.94 -38.00
C SER D 116 20.19 -13.17 -38.61
N LEU D 117 21.03 -13.90 -37.89
CA LEU D 117 22.35 -14.32 -38.41
C LEU D 117 22.12 -15.30 -39.57
N GLU D 118 21.09 -16.15 -39.46
CA GLU D 118 20.75 -17.22 -40.44
C GLU D 118 19.73 -16.71 -41.48
N ARG D 119 19.67 -17.40 -42.62
CA ARG D 119 18.63 -17.17 -43.64
C ARG D 119 17.34 -17.83 -43.15
N LEU D 120 16.30 -17.04 -42.91
CA LEU D 120 15.02 -17.52 -42.32
C LEU D 120 13.83 -17.21 -43.22
N ILE D 121 14.01 -16.39 -44.26
CA ILE D 121 12.92 -15.91 -45.14
C ILE D 121 13.13 -16.49 -46.54
N ASP D 122 12.11 -17.16 -47.06
CA ASP D 122 12.08 -17.63 -48.47
C ASP D 122 11.62 -16.45 -49.33
N THR D 123 12.38 -16.12 -50.37
CA THR D 123 12.11 -14.95 -51.26
C THR D 123 11.93 -15.42 -52.71
N ASP D 124 12.06 -16.72 -52.99
CA ASP D 124 11.98 -17.25 -54.38
C ASP D 124 11.05 -18.47 -54.46
N TYR D 125 10.12 -18.63 -53.50
CA TYR D 125 9.01 -19.62 -53.55
C TYR D 125 9.54 -21.05 -53.81
N ASP D 126 10.73 -21.39 -53.32
CA ASP D 126 11.31 -22.75 -53.46
C ASP D 126 11.22 -23.50 -52.13
N ASN D 127 10.58 -22.91 -51.12
CA ASN D 127 10.35 -23.49 -49.76
C ASN D 127 11.66 -23.54 -48.98
N ILE D 128 12.72 -22.92 -49.49
CA ILE D 128 14.04 -22.88 -48.81
C ILE D 128 14.32 -21.43 -48.39
N PRO D 129 14.48 -21.17 -47.08
CA PRO D 129 14.81 -19.83 -46.60
C PRO D 129 16.18 -19.43 -47.17
N ASP D 130 16.30 -18.16 -47.58
CA ASP D 130 17.45 -17.70 -48.39
C ASP D 130 17.88 -16.27 -48.04
N THR D 131 17.16 -15.60 -47.13
CA THR D 131 17.39 -14.18 -46.77
C THR D 131 17.17 -14.01 -45.27
N PRO D 132 17.95 -13.16 -44.58
CA PRO D 132 17.72 -12.90 -43.16
C PRO D 132 16.36 -12.26 -42.89
N GLN D 133 15.85 -12.49 -41.69
CA GLN D 133 14.63 -11.85 -41.15
C GLN D 133 15.04 -10.56 -40.42
N ASN D 134 14.38 -9.44 -40.70
CA ASN D 134 14.76 -8.13 -40.11
C ASN D 134 13.54 -7.31 -39.70
N PRO D 135 12.86 -7.66 -38.59
CA PRO D 135 11.83 -6.78 -38.05
C PRO D 135 12.49 -5.55 -37.41
N VAL D 136 11.87 -4.39 -37.56
CA VAL D 136 12.38 -3.12 -36.96
C VAL D 136 11.24 -2.40 -36.25
N HIS D 137 11.61 -1.47 -35.37
CA HIS D 137 10.67 -0.51 -34.76
C HIS D 137 11.35 0.85 -34.71
N GLU D 138 10.95 1.74 -35.63
CA GLU D 138 11.63 3.04 -35.87
C GLU D 138 10.55 4.12 -35.96
N ASP D 139 9.80 4.28 -34.88
CA ASP D 139 8.70 5.27 -34.80
C ASP D 139 9.16 6.43 -33.93
N PRO D 140 9.49 7.61 -34.52
CA PRO D 140 9.96 8.74 -33.73
C PRO D 140 8.90 9.36 -32.81
N LYS D 141 7.64 8.95 -32.95
CA LYS D 141 6.50 9.50 -32.15
C LYS D 141 5.96 8.45 -31.16
N ASP D 142 6.63 7.30 -30.99
CA ASP D 142 6.16 6.24 -30.07
C ASP D 142 6.50 6.65 -28.63
N PRO D 143 5.51 7.01 -27.78
CA PRO D 143 5.80 7.44 -26.42
C PRO D 143 6.50 6.34 -25.60
N ALA D 144 6.19 5.06 -25.89
CA ALA D 144 6.77 3.92 -25.13
C ALA D 144 8.28 3.90 -25.30
N GLN D 145 8.81 4.47 -26.38
CA GLN D 145 10.26 4.45 -26.72
C GLN D 145 10.91 5.80 -26.40
N THR D 146 10.18 6.74 -25.80
CA THR D 146 10.63 8.15 -25.67
C THR D 146 11.04 8.44 -24.22
N ILE D 147 12.12 9.21 -24.09
CA ILE D 147 12.57 9.86 -22.83
C ILE D 147 12.44 11.36 -23.01
N THR D 148 11.75 12.04 -22.09
CA THR D 148 11.65 13.52 -22.07
C THR D 148 12.39 14.02 -20.84
N VAL D 149 13.23 15.04 -21.01
CA VAL D 149 13.92 15.71 -19.87
C VAL D 149 13.09 16.93 -19.45
N VAL D 150 12.68 16.96 -18.18
CA VAL D 150 11.81 18.03 -17.60
C VAL D 150 12.65 18.82 -16.60
N PRO D 151 12.17 20.02 -16.18
CA PRO D 151 12.80 20.72 -15.06
C PRO D 151 12.60 19.95 -13.75
MG MG E . -8.20 -3.42 8.37
MG MG F . 7.76 4.12 23.72
MG MG G . -18.60 -32.68 -11.40
MG MG H . 14.13 -19.78 -51.15
#